data_6Q50
#
_entry.id   6Q50
#
_cell.length_a   53.366
_cell.length_b   67.194
_cell.length_c   96.970
_cell.angle_alpha   90.00
_cell.angle_beta   90.00
_cell.angle_gamma   90.00
#
_symmetry.space_group_name_H-M   'P 21 2 21'
#
loop_
_entity.id
_entity.type
_entity.pdbx_description
1 polymer MPT-4
2 non-polymer 'PHOSPHATE ION'
3 non-polymer 1,2-ETHANEDIOL
4 non-polymer 'SODIUM ION'
5 water water
#
_entity_poly.entity_id   1
_entity_poly.type   'polypeptide(L)'
_entity_poly.pdbx_seq_one_letter_code
;MGSSHHHHHHSSGLVPRGSHMKQTKASFEANKRVYESVLLTFRGVDGYDVYNCSVPFFYKGKMHIYGRVEKRDIWAASHV
RLFEETGKDEFTVVPGFYFQLEDPYVAKINNEMIFGGTHVRKDKQEISSYYGYFYRGTPDELTYFTTGPDCMKDIRVLQL
QDGRLGVFSRPRVGCRASIGFVILNSIDELGAEVIAKAPPLDILSENTWGGVNQAYLLSSGKVGCIGHYSYEDTDEQQQP
QRVYVNYSFVLDPQSRAIADAKIIGTKSCYPPCEPKVPFLADCVFASGIVMRSDGRADLYSGVGDSREGRITIDYPFKVH
GTIIGDLNFPMASSL
;
_entity_poly.pdbx_strand_id   A
#
# COMPACT_ATOMS: atom_id res chain seq x y z
N GLY A 2 1.69 1.41 -16.42
CA GLY A 2 2.95 0.89 -15.83
C GLY A 2 3.00 -0.63 -15.88
N SER A 3 3.84 -1.23 -15.02
CA SER A 3 4.18 -2.69 -14.95
C SER A 3 2.92 -3.57 -14.92
N SER A 4 1.83 -3.14 -14.29
CA SER A 4 0.64 -4.01 -14.02
C SER A 4 -0.37 -3.98 -15.18
N HIS A 5 -0.18 -3.16 -16.21
CA HIS A 5 -1.28 -2.72 -17.13
C HIS A 5 -1.19 -3.32 -18.55
N HIS A 6 -0.23 -4.21 -18.82
CA HIS A 6 0.03 -4.77 -20.19
C HIS A 6 1.03 -5.93 -20.14
N HIS A 20 -14.03 -18.25 -3.12
CA HIS A 20 -14.54 -17.98 -1.76
C HIS A 20 -14.49 -16.47 -1.45
N MET A 21 -13.42 -15.77 -1.83
CA MET A 21 -13.36 -14.30 -1.56
C MET A 21 -14.49 -13.59 -2.32
N LYS A 22 -14.94 -14.12 -3.45
CA LYS A 22 -16.03 -13.51 -4.24
C LYS A 22 -17.31 -13.43 -3.35
N GLN A 23 -17.57 -14.46 -2.55
CA GLN A 23 -18.76 -14.51 -1.64
C GLN A 23 -18.51 -13.59 -0.45
N THR A 24 -17.29 -13.57 0.08
CA THR A 24 -16.93 -12.67 1.20
C THR A 24 -17.14 -11.24 0.74
N LYS A 25 -16.77 -10.93 -0.51
CA LYS A 25 -16.94 -9.56 -1.04
C LYS A 25 -18.42 -9.24 -1.20
N ALA A 26 -19.22 -10.17 -1.71
CA ALA A 26 -20.68 -9.89 -1.84
C ALA A 26 -21.29 -9.62 -0.46
N SER A 27 -20.91 -10.34 0.58
CA SER A 27 -21.37 -10.05 1.95
C SER A 27 -20.93 -8.65 2.35
N PHE A 28 -19.67 -8.29 2.06
CA PHE A 28 -19.15 -6.97 2.49
C PHE A 28 -19.97 -5.87 1.79
N GLU A 29 -20.23 -6.03 0.50
CA GLU A 29 -20.98 -5.03 -0.31
C GLU A 29 -22.38 -4.79 0.28
N ALA A 30 -22.98 -5.79 0.91
CA ALA A 30 -24.32 -5.70 1.50
C ALA A 30 -24.27 -5.05 2.89
N ASN A 31 -23.22 -5.28 3.66
CA ASN A 31 -23.17 -5.00 5.11
C ASN A 31 -22.16 -3.88 5.43
N LYS A 32 -21.51 -3.28 4.44
CA LYS A 32 -20.39 -2.30 4.66
C LYS A 32 -20.86 -1.10 5.50
N ARG A 33 -19.99 -0.65 6.40
CA ARG A 33 -20.18 0.58 7.23
C ARG A 33 -19.14 1.62 6.83
N VAL A 34 -19.57 2.64 6.09
CA VAL A 34 -18.70 3.70 5.53
C VAL A 34 -19.29 5.01 5.99
N TYR A 35 -18.54 5.77 6.77
CA TYR A 35 -19.06 6.96 7.44
C TYR A 35 -18.77 8.22 6.63
N GLU A 36 -17.68 8.22 5.87
CA GLU A 36 -17.30 9.35 5.00
C GLU A 36 -16.65 8.74 3.75
N SER A 37 -16.76 9.44 2.63
CA SER A 37 -16.26 8.93 1.31
C SER A 37 -15.87 10.10 0.39
N VAL A 38 -14.57 10.24 0.08
CA VAL A 38 -14.09 11.34 -0.80
C VAL A 38 -13.02 10.84 -1.76
N LEU A 39 -12.79 11.60 -2.82
CA LEU A 39 -11.56 11.49 -3.64
C LEU A 39 -10.65 12.69 -3.33
N LEU A 40 -9.35 12.45 -3.27
CA LEU A 40 -8.37 13.51 -3.04
C LEU A 40 -8.20 14.36 -4.31
N THR A 41 -7.98 15.65 -4.11
CA THR A 41 -7.60 16.60 -5.18
C THR A 41 -6.08 16.81 -5.10
N PHE A 42 -5.36 16.67 -6.20
CA PHE A 42 -3.89 16.92 -6.29
C PHE A 42 -3.66 18.15 -7.20
N ARG A 43 -2.89 19.12 -6.70
CA ARG A 43 -2.52 20.33 -7.45
C ARG A 43 -1.03 20.29 -7.81
N GLY A 44 -0.73 20.77 -9.00
CA GLY A 44 0.67 20.99 -9.40
C GLY A 44 1.22 19.91 -10.31
N VAL A 45 0.44 18.89 -10.70
CA VAL A 45 0.92 17.84 -11.64
C VAL A 45 -0.15 17.63 -12.71
N ASP A 46 -0.73 18.75 -13.21
CA ASP A 46 -1.78 18.62 -14.24
C ASP A 46 -1.33 17.75 -15.41
N GLY A 47 -2.22 16.91 -15.89
CA GLY A 47 -1.97 16.01 -17.04
C GLY A 47 -1.44 14.66 -16.62
N TYR A 48 -1.15 14.48 -15.34
CA TYR A 48 -0.85 13.14 -14.76
C TYR A 48 -1.96 12.70 -13.80
N ASP A 49 -2.28 11.44 -13.82
CA ASP A 49 -3.09 10.84 -12.74
C ASP A 49 -2.19 10.65 -11.51
N VAL A 50 -2.78 10.73 -10.32
CA VAL A 50 -2.07 10.51 -9.03
C VAL A 50 -2.82 9.43 -8.28
N TYR A 51 -2.16 8.35 -7.88
CA TYR A 51 -2.88 7.19 -7.28
C TYR A 51 -1.89 6.34 -6.47
N ASN A 52 -2.41 5.26 -5.91
CA ASN A 52 -1.64 4.25 -5.15
C ASN A 52 -0.59 4.96 -4.30
N CYS A 53 -1.00 5.93 -3.49
CA CYS A 53 -0.10 6.72 -2.63
C CYS A 53 0.51 5.88 -1.49
N SER A 54 1.53 6.45 -0.84
CA SER A 54 1.89 6.02 0.51
C SER A 54 0.70 6.23 1.46
N VAL A 55 0.80 5.71 2.67
CA VAL A 55 -0.04 6.23 3.79
C VAL A 55 0.32 7.69 4.00
N PRO A 56 -0.63 8.56 4.40
CA PRO A 56 -0.24 9.90 4.82
C PRO A 56 0.62 9.85 6.08
N PHE A 57 1.46 10.88 6.23
CA PHE A 57 2.38 10.99 7.38
C PHE A 57 2.54 12.48 7.67
N PHE A 58 3.22 12.78 8.77
CA PHE A 58 3.42 14.18 9.18
C PHE A 58 4.91 14.51 9.15
N TYR A 59 5.17 15.73 8.71
CA TYR A 59 6.55 16.25 8.57
C TYR A 59 6.49 17.77 8.65
N LYS A 60 7.37 18.38 9.45
CA LYS A 60 7.31 19.86 9.67
C LYS A 60 5.90 20.28 10.08
N GLY A 61 5.19 19.46 10.85
CA GLY A 61 3.90 19.84 11.45
C GLY A 61 2.72 19.73 10.50
N LYS A 62 2.96 19.25 9.27
CA LYS A 62 1.97 19.22 8.15
CA LYS A 62 1.90 19.20 8.23
C LYS A 62 1.78 17.77 7.67
N MET A 63 0.55 17.39 7.36
CA MET A 63 0.27 16.15 6.64
C MET A 63 0.89 16.20 5.24
N HIS A 64 1.52 15.10 4.88
CA HIS A 64 2.16 14.88 3.58
C HIS A 64 1.76 13.50 3.08
N ILE A 65 1.95 13.30 1.80
CA ILE A 65 1.76 11.97 1.20
C ILE A 65 2.69 11.88 -0.01
N TYR A 66 3.21 10.69 -0.30
CA TYR A 66 3.86 10.38 -1.59
C TYR A 66 2.82 9.82 -2.56
N GLY A 67 2.83 10.31 -3.79
CA GLY A 67 1.89 9.80 -4.82
C GLY A 67 2.62 9.19 -5.98
N ARG A 68 1.98 8.21 -6.58
CA ARG A 68 2.41 7.65 -7.85
C ARG A 68 1.81 8.54 -8.94
N VAL A 69 2.65 9.09 -9.77
CA VAL A 69 2.29 10.14 -10.76
C VAL A 69 2.55 9.58 -12.15
N GLU A 70 1.50 9.46 -12.96
CA GLU A 70 1.61 8.73 -14.23
C GLU A 70 0.54 9.21 -15.19
N LYS A 71 0.87 9.37 -16.44
CA LYS A 71 -0.19 9.66 -17.44
C LYS A 71 -1.13 8.47 -17.61
N ARG A 72 -2.36 8.74 -18.07
CA ARG A 72 -3.44 7.72 -18.21
C ARG A 72 -3.00 6.60 -19.17
N ASP A 73 -2.25 6.94 -20.22
CA ASP A 73 -1.77 6.01 -21.27
C ASP A 73 -1.11 4.77 -20.59
N ILE A 74 -1.49 3.53 -20.93
CA ILE A 74 -0.96 2.29 -20.28
C ILE A 74 0.56 2.15 -20.48
N TRP A 75 1.15 2.75 -21.50
CA TRP A 75 2.61 2.64 -21.77
C TRP A 75 3.37 3.75 -21.04
N ALA A 76 2.67 4.72 -20.44
CA ALA A 76 3.34 5.81 -19.71
C ALA A 76 3.99 5.21 -18.45
N ALA A 77 5.16 5.74 -18.12
CA ALA A 77 5.98 5.37 -16.94
C ALA A 77 5.62 6.24 -15.73
N SER A 78 5.74 5.68 -14.54
CA SER A 78 5.45 6.36 -13.27
C SER A 78 6.67 7.07 -12.72
N HIS A 79 6.39 8.13 -11.99
CA HIS A 79 7.33 8.69 -11.01
C HIS A 79 6.59 8.86 -9.70
N VAL A 80 7.32 9.22 -8.67
CA VAL A 80 6.77 9.54 -7.36
C VAL A 80 7.13 10.98 -7.04
N ARG A 81 6.16 11.71 -6.50
CA ARG A 81 6.37 13.06 -5.97
C ARG A 81 5.86 13.11 -4.54
N LEU A 82 6.38 14.04 -3.73
CA LEU A 82 5.90 14.40 -2.40
C LEU A 82 4.82 15.48 -2.52
N PHE A 83 3.74 15.33 -1.76
CA PHE A 83 2.65 16.36 -1.70
C PHE A 83 2.43 16.74 -0.25
N GLU A 84 2.06 17.99 -0.03
CA GLU A 84 1.66 18.48 1.30
C GLU A 84 0.18 18.84 1.27
N GLU A 85 -0.50 18.60 2.37
CA GLU A 85 -1.94 18.94 2.52
C GLU A 85 -2.07 20.47 2.52
N THR A 86 -2.86 21.00 1.61
CA THR A 86 -3.07 22.47 1.49
C THR A 86 -4.52 22.85 1.78
N GLY A 87 -5.43 21.87 1.91
CA GLY A 87 -6.83 22.01 2.28
C GLY A 87 -7.44 20.67 2.60
N LYS A 88 -8.70 20.64 2.98
CA LYS A 88 -9.31 19.34 3.32
C LYS A 88 -9.26 18.45 2.07
N ASP A 89 -8.55 17.31 2.16
CA ASP A 89 -8.47 16.29 1.09
C ASP A 89 -7.88 16.93 -0.15
N GLU A 90 -7.04 17.95 0.03
CA GLU A 90 -6.38 18.67 -1.08
C GLU A 90 -4.88 18.64 -0.83
N PHE A 91 -4.13 18.21 -1.84
CA PHE A 91 -2.67 18.07 -1.73
C PHE A 91 -2.00 18.81 -2.87
N THR A 92 -0.93 19.55 -2.54
CA THR A 92 -0.15 20.33 -3.52
C THR A 92 1.25 19.75 -3.58
N VAL A 93 1.73 19.57 -4.77
CA VAL A 93 3.07 19.01 -5.00
C VAL A 93 4.12 19.91 -4.33
N VAL A 94 5.08 19.26 -3.73
CA VAL A 94 6.24 19.91 -3.05
C VAL A 94 7.36 19.90 -4.10
N PRO A 95 7.79 21.09 -4.57
CA PRO A 95 8.89 21.14 -5.54
C PRO A 95 10.10 20.43 -4.92
N GLY A 96 10.83 19.72 -5.77
CA GLY A 96 12.26 19.43 -5.53
C GLY A 96 12.55 17.99 -5.17
N PHE A 97 11.65 17.06 -5.45
CA PHE A 97 11.78 15.66 -4.93
C PHE A 97 11.10 14.75 -5.93
N TYR A 98 11.85 13.93 -6.67
CA TYR A 98 11.25 13.03 -7.68
C TYR A 98 11.92 11.68 -7.50
N PHE A 99 11.19 10.61 -7.78
CA PHE A 99 11.78 9.26 -7.85
C PHE A 99 11.20 8.53 -9.04
N GLN A 100 12.02 7.78 -9.75
CA GLN A 100 11.60 6.96 -10.92
C GLN A 100 11.08 5.62 -10.39
N LEU A 101 9.86 5.61 -9.84
CA LEU A 101 9.29 4.47 -9.09
C LEU A 101 7.79 4.41 -9.32
N GLU A 102 7.21 3.23 -9.07
CA GLU A 102 5.76 2.99 -8.88
C GLU A 102 5.46 2.75 -7.40
N ASP A 103 4.23 3.04 -6.97
CA ASP A 103 3.61 2.49 -5.74
C ASP A 103 4.48 2.78 -4.52
N PRO A 104 4.61 4.04 -4.12
CA PRO A 104 5.49 4.40 -3.03
C PRO A 104 4.92 4.01 -1.66
N TYR A 105 5.79 3.84 -0.67
CA TYR A 105 5.32 3.46 0.68
C TYR A 105 6.35 3.89 1.71
N VAL A 106 5.90 4.13 2.93
CA VAL A 106 6.77 4.64 4.01
C VAL A 106 6.58 3.82 5.29
N ALA A 107 7.60 3.86 6.11
CA ALA A 107 7.59 3.30 7.47
C ALA A 107 8.52 4.12 8.34
N LYS A 108 8.32 4.03 9.66
CA LYS A 108 9.23 4.68 10.64
C LYS A 108 10.00 3.60 11.39
N ILE A 109 11.33 3.64 11.25
CA ILE A 109 12.27 2.68 11.91
C ILE A 109 13.32 3.49 12.67
N ASN A 110 13.40 3.35 13.99
CA ASN A 110 14.36 4.13 14.81
C ASN A 110 14.34 5.63 14.43
N ASN A 111 13.18 6.25 14.41
CA ASN A 111 13.01 7.73 14.24
C ASN A 111 13.50 8.20 12.87
N GLU A 112 13.56 7.29 11.89
CA GLU A 112 14.00 7.57 10.52
C GLU A 112 12.85 7.14 9.60
N MET A 113 12.70 7.79 8.46
CA MET A 113 11.82 7.29 7.38
C MET A 113 12.56 6.19 6.60
N ILE A 114 11.89 5.07 6.38
CA ILE A 114 12.26 4.11 5.32
C ILE A 114 11.20 4.25 4.22
N PHE A 115 11.63 4.58 3.01
CA PHE A 115 10.76 4.88 1.86
C PHE A 115 11.08 3.82 0.85
N GLY A 116 10.08 3.37 0.12
CA GLY A 116 10.33 2.44 -0.98
C GLY A 116 9.38 2.64 -2.12
N GLY A 117 9.71 2.00 -3.24
CA GLY A 117 8.87 1.94 -4.42
C GLY A 117 9.38 0.84 -5.34
N THR A 118 8.64 0.58 -6.41
CA THR A 118 9.05 -0.40 -7.41
C THR A 118 9.84 0.33 -8.51
N HIS A 119 11.02 -0.15 -8.76
CA HIS A 119 11.88 0.35 -9.85
C HIS A 119 11.77 -0.58 -11.05
N VAL A 120 11.48 -0.03 -12.21
CA VAL A 120 11.26 -0.81 -13.45
C VAL A 120 12.47 -0.64 -14.37
N ARG A 121 13.08 -1.75 -14.76
CA ARG A 121 14.20 -1.74 -15.70
C ARG A 121 13.70 -2.10 -17.10
N LYS A 122 14.20 -1.40 -18.14
CA LYS A 122 13.71 -1.59 -19.51
C LYS A 122 14.85 -1.91 -20.45
N ASP A 123 14.57 -2.75 -21.43
CA ASP A 123 15.53 -3.02 -22.53
C ASP A 123 14.73 -2.93 -23.83
N LYS A 124 15.13 -2.05 -24.74
CA LYS A 124 14.46 -1.85 -26.06
C LYS A 124 12.97 -1.63 -25.82
N GLN A 125 12.67 -0.76 -24.87
CA GLN A 125 11.34 -0.13 -24.66
C GLN A 125 10.39 -1.15 -24.02
N GLU A 126 10.86 -2.33 -23.54
CA GLU A 126 10.06 -3.35 -22.79
C GLU A 126 10.60 -3.59 -21.38
N ILE A 127 9.74 -3.96 -20.44
CA ILE A 127 10.18 -4.20 -19.05
C ILE A 127 11.03 -5.47 -19.01
N SER A 128 12.25 -5.42 -18.51
CA SER A 128 13.16 -6.59 -18.40
C SER A 128 13.21 -7.15 -16.96
N SER A 129 13.06 -6.31 -15.94
CA SER A 129 13.07 -6.68 -14.51
C SER A 129 12.42 -5.53 -13.72
N TYR A 130 11.99 -5.80 -12.50
CA TYR A 130 11.52 -4.76 -11.57
C TYR A 130 11.96 -5.24 -10.19
N TYR A 131 12.09 -4.30 -9.28
CA TYR A 131 12.47 -4.67 -7.91
CA TYR A 131 12.71 -4.50 -7.95
C TYR A 131 12.16 -3.51 -6.96
N GLY A 132 12.08 -3.84 -5.69
CA GLY A 132 11.86 -2.83 -4.64
C GLY A 132 13.15 -2.06 -4.42
N TYR A 133 13.10 -0.74 -4.49
CA TYR A 133 14.20 0.15 -4.04
C TYR A 133 13.79 0.73 -2.68
N PHE A 134 14.72 0.70 -1.75
CA PHE A 134 14.55 1.22 -0.38
C PHE A 134 15.53 2.36 -0.13
N TYR A 135 15.00 3.41 0.52
CA TYR A 135 15.68 4.66 0.83
C TYR A 135 15.52 4.95 2.31
N ARG A 136 16.47 5.66 2.93
CA ARG A 136 16.40 6.00 4.36
C ARG A 136 16.76 7.47 4.57
N GLY A 137 16.14 8.09 5.52
CA GLY A 137 16.48 9.46 5.94
C GLY A 137 15.25 10.20 6.39
N THR A 138 15.02 11.38 5.86
CA THR A 138 13.77 12.15 6.09
C THR A 138 13.26 12.58 4.73
N PRO A 139 12.02 13.08 4.62
CA PRO A 139 11.54 13.59 3.33
C PRO A 139 12.40 14.68 2.66
N ASP A 140 13.25 15.38 3.42
CA ASP A 140 14.13 16.43 2.85
C ASP A 140 15.33 15.76 2.17
N GLU A 141 15.71 14.55 2.60
CA GLU A 141 16.85 13.85 1.99
C GLU A 141 16.73 12.34 2.26
N LEU A 142 16.33 11.61 1.23
CA LEU A 142 16.22 10.13 1.29
C LEU A 142 17.37 9.53 0.49
N THR A 143 18.07 8.58 1.08
CA THR A 143 19.26 7.94 0.48
C THR A 143 18.94 6.48 0.16
N TYR A 144 19.07 6.15 -1.11
CA TYR A 144 18.87 4.78 -1.63
C TYR A 144 19.92 3.88 -1.00
N PHE A 145 19.53 2.75 -0.43
CA PHE A 145 20.51 1.89 0.26
C PHE A 145 20.38 0.40 -0.04
N THR A 146 19.23 -0.11 -0.48
CA THR A 146 19.17 -1.58 -0.71
C THR A 146 18.02 -1.85 -1.67
N THR A 147 18.01 -3.08 -2.16
CA THR A 147 17.12 -3.54 -3.23
C THR A 147 16.53 -4.91 -2.87
N GLY A 148 15.30 -5.15 -3.29
CA GLY A 148 14.66 -6.45 -3.10
C GLY A 148 15.08 -7.41 -4.22
N PRO A 149 14.57 -8.64 -4.17
CA PRO A 149 14.91 -9.61 -5.18
C PRO A 149 14.29 -9.24 -6.54
N ASP A 150 14.83 -9.87 -7.58
CA ASP A 150 14.37 -9.70 -8.98
CA ASP A 150 14.38 -9.71 -8.99
C ASP A 150 12.88 -10.05 -9.08
N CYS A 151 12.10 -9.14 -9.66
CA CYS A 151 10.71 -9.36 -10.05
C CYS A 151 9.87 -9.68 -8.79
N MET A 152 10.08 -8.93 -7.70
CA MET A 152 9.16 -8.92 -6.54
C MET A 152 8.80 -7.47 -6.22
N LYS A 153 7.55 -7.29 -5.90
CA LYS A 153 7.06 -6.02 -5.35
C LYS A 153 6.28 -6.32 -4.08
N ASP A 154 5.69 -5.29 -3.47
CA ASP A 154 4.83 -5.43 -2.28
C ASP A 154 5.66 -5.89 -1.07
N ILE A 155 6.90 -5.42 -0.96
CA ILE A 155 7.75 -5.68 0.23
C ILE A 155 7.52 -4.55 1.25
N ARG A 156 7.30 -4.88 2.50
CA ARG A 156 6.96 -3.84 3.53
C ARG A 156 7.67 -4.17 4.82
N VAL A 157 7.97 -3.12 5.57
CA VAL A 157 8.66 -3.31 6.88
C VAL A 157 7.92 -2.58 7.99
N LEU A 158 8.25 -2.97 9.22
CA LEU A 158 7.89 -2.21 10.42
C LEU A 158 8.84 -2.60 11.55
N GLN A 159 8.83 -1.77 12.57
CA GLN A 159 9.59 -2.07 13.81
C GLN A 159 8.68 -2.81 14.79
N LEU A 160 9.13 -3.95 15.31
CA LEU A 160 8.39 -4.79 16.27
C LEU A 160 8.64 -4.31 17.71
N GLN A 161 7.87 -4.89 18.62
CA GLN A 161 7.82 -4.47 20.03
C GLN A 161 9.22 -4.56 20.65
N ASP A 162 10.06 -5.52 20.23
CA ASP A 162 11.45 -5.66 20.75
C ASP A 162 12.49 -4.87 19.95
N GLY A 163 12.07 -4.04 19.00
CA GLY A 163 12.98 -3.17 18.24
C GLY A 163 13.47 -3.81 16.96
N ARG A 164 13.29 -5.13 16.78
CA ARG A 164 13.70 -5.82 15.52
C ARG A 164 12.78 -5.38 14.35
N LEU A 165 13.17 -5.82 13.16
CA LEU A 165 12.53 -5.40 11.87
C LEU A 165 11.69 -6.55 11.35
N GLY A 166 10.37 -6.37 11.29
CA GLY A 166 9.50 -7.28 10.55
C GLY A 166 9.49 -6.96 9.08
N VAL A 167 9.64 -7.97 8.24
CA VAL A 167 9.72 -7.81 6.77
C VAL A 167 8.66 -8.72 6.15
N PHE A 168 7.76 -8.11 5.39
CA PHE A 168 6.82 -8.83 4.53
C PHE A 168 7.38 -8.90 3.11
N SER A 169 7.39 -10.11 2.59
CA SER A 169 7.71 -10.41 1.18
C SER A 169 6.41 -10.67 0.41
N ARG A 170 6.53 -10.78 -0.91
CA ARG A 170 5.39 -11.14 -1.74
C ARG A 170 5.82 -11.78 -3.06
N PRO A 171 6.30 -13.03 -3.03
CA PRO A 171 6.58 -13.77 -4.26
C PRO A 171 5.31 -13.91 -5.09
N ARG A 172 5.44 -13.67 -6.39
CA ARG A 172 4.32 -13.85 -7.34
C ARG A 172 4.91 -14.21 -8.70
N VAL A 173 4.62 -15.44 -9.14
CA VAL A 173 5.05 -15.98 -10.46
C VAL A 173 3.78 -16.57 -11.09
N GLY A 174 3.30 -15.98 -12.17
CA GLY A 174 2.02 -16.40 -12.78
C GLY A 174 0.91 -16.40 -11.75
N CYS A 175 0.21 -17.51 -11.62
CA CYS A 175 -0.95 -17.57 -10.70
C CYS A 175 -0.57 -18.07 -9.31
N ARG A 176 0.72 -18.19 -8.99
CA ARG A 176 1.21 -18.64 -7.66
C ARG A 176 1.73 -17.39 -6.94
N ALA A 177 1.07 -17.04 -5.86
CA ALA A 177 1.47 -15.87 -5.05
C ALA A 177 1.36 -16.23 -3.56
N SER A 178 2.21 -15.62 -2.76
CA SER A 178 2.14 -15.74 -1.30
C SER A 178 2.61 -14.41 -0.70
N ILE A 179 2.20 -14.17 0.54
CA ILE A 179 2.80 -13.18 1.47
C ILE A 179 3.68 -13.97 2.43
N GLY A 180 4.94 -13.57 2.51
CA GLY A 180 5.93 -14.13 3.44
C GLY A 180 6.29 -13.15 4.53
N PHE A 181 7.04 -13.61 5.51
CA PHE A 181 7.41 -12.74 6.65
C PHE A 181 8.63 -13.30 7.32
N VAL A 182 9.57 -12.41 7.62
CA VAL A 182 10.80 -12.78 8.36
C VAL A 182 11.16 -11.65 9.30
N ILE A 183 11.77 -11.98 10.44
CA ILE A 183 12.27 -10.97 11.39
C ILE A 183 13.77 -10.83 11.22
N LEU A 184 14.25 -9.63 10.97
CA LEU A 184 15.69 -9.28 10.87
C LEU A 184 16.08 -8.45 12.08
N ASN A 185 17.38 -8.42 12.41
CA ASN A 185 17.83 -7.63 13.56
C ASN A 185 17.67 -6.14 13.26
N SER A 186 17.90 -5.72 12.03
CA SER A 186 17.85 -4.29 11.69
C SER A 186 17.77 -4.09 10.19
N ILE A 187 17.50 -2.83 9.83
CA ILE A 187 17.36 -2.41 8.43
C ILE A 187 18.71 -2.63 7.70
N ASP A 188 19.83 -2.70 8.42
CA ASP A 188 21.17 -2.90 7.78
C ASP A 188 21.31 -4.34 7.26
N GLU A 189 20.41 -5.26 7.60
CA GLU A 189 20.40 -6.64 7.06
C GLU A 189 19.45 -6.77 5.86
N LEU A 190 18.68 -5.74 5.55
CA LEU A 190 17.63 -5.86 4.51
C LEU A 190 18.28 -5.90 3.14
N GLY A 191 18.01 -6.96 2.40
CA GLY A 191 18.60 -7.23 1.08
C GLY A 191 17.81 -8.30 0.36
N ALA A 192 18.18 -8.56 -0.89
CA ALA A 192 17.41 -9.42 -1.81
C ALA A 192 17.33 -10.84 -1.25
N GLU A 193 18.46 -11.41 -0.80
CA GLU A 193 18.52 -12.85 -0.41
C GLU A 193 17.63 -13.09 0.84
N VAL A 194 17.68 -12.24 1.87
CA VAL A 194 16.85 -12.48 3.08
C VAL A 194 15.38 -12.28 2.77
N ILE A 195 15.02 -11.35 1.89
CA ILE A 195 13.59 -11.16 1.49
C ILE A 195 13.13 -12.40 0.71
N ALA A 196 13.93 -12.81 -0.26
CA ALA A 196 13.65 -14.01 -1.10
C ALA A 196 13.44 -15.26 -0.22
N LYS A 197 14.16 -15.40 0.87
CA LYS A 197 14.07 -16.62 1.71
C LYS A 197 13.01 -16.47 2.81
N ALA A 198 12.26 -15.35 2.90
CA ALA A 198 11.24 -15.23 3.95
C ALA A 198 10.24 -16.38 3.83
N PRO A 199 9.95 -17.13 4.91
CA PRO A 199 8.93 -18.19 4.81
C PRO A 199 7.52 -17.63 4.58
N PRO A 200 6.61 -18.41 3.94
CA PRO A 200 5.23 -17.99 3.72
C PRO A 200 4.42 -17.87 4.99
N LEU A 201 3.45 -16.96 4.95
CA LEU A 201 2.33 -16.90 5.90
C LEU A 201 1.10 -17.48 5.25
N ASP A 202 0.18 -17.96 6.06
CA ASP A 202 -1.05 -18.63 5.55
C ASP A 202 -2.13 -17.55 5.32
N ILE A 203 -2.02 -16.80 4.22
CA ILE A 203 -2.92 -15.63 3.97
C ILE A 203 -3.65 -15.84 2.64
N LEU A 204 -2.92 -15.98 1.54
CA LEU A 204 -3.54 -16.05 0.18
C LEU A 204 -3.96 -17.48 -0.15
N SER A 205 -5.12 -17.60 -0.78
CA SER A 205 -5.67 -18.90 -1.25
C SER A 205 -5.20 -19.15 -2.69
N GLU A 206 -5.34 -20.39 -3.10
CA GLU A 206 -5.20 -20.75 -4.53
C GLU A 206 -5.96 -19.74 -5.42
N ASN A 207 -5.36 -19.37 -6.55
CA ASN A 207 -6.00 -18.54 -7.61
C ASN A 207 -6.28 -17.14 -7.05
N THR A 208 -5.55 -16.75 -6.03
CA THR A 208 -5.66 -15.36 -5.51
C THR A 208 -4.26 -14.76 -5.46
N TRP A 209 -4.24 -13.44 -5.36
CA TRP A 209 -2.98 -12.75 -5.02
C TRP A 209 -3.31 -11.57 -4.10
N GLY A 210 -2.29 -10.87 -3.66
CA GLY A 210 -2.50 -9.78 -2.68
C GLY A 210 -1.19 -9.39 -2.06
N GLY A 211 -1.22 -8.48 -1.09
CA GLY A 211 0.03 -8.00 -0.51
C GLY A 211 -0.24 -7.13 0.67
N VAL A 212 0.74 -6.97 1.56
CA VAL A 212 0.67 -5.93 2.62
C VAL A 212 0.98 -4.58 1.98
N ASN A 213 0.23 -3.54 2.32
CA ASN A 213 0.51 -2.15 1.90
C ASN A 213 1.08 -1.35 3.10
N GLN A 214 0.55 -1.54 4.28
CA GLN A 214 1.04 -0.82 5.49
C GLN A 214 0.91 -1.72 6.70
N ALA A 215 1.99 -1.87 7.46
CA ALA A 215 2.00 -2.65 8.70
C ALA A 215 2.14 -1.70 9.88
N TYR A 216 1.44 -2.05 10.96
CA TYR A 216 1.38 -1.31 12.23
C TYR A 216 1.72 -2.26 13.40
N LEU A 217 2.44 -1.74 14.37
CA LEU A 217 2.65 -2.44 15.65
C LEU A 217 1.47 -2.16 16.57
N LEU A 218 0.87 -3.20 17.12
CA LEU A 218 -0.28 -3.04 18.03
C LEU A 218 0.17 -3.18 19.49
N SER A 219 -0.68 -2.72 20.39
CA SER A 219 -0.38 -2.66 21.84
C SER A 219 -0.19 -4.08 22.39
N SER A 220 -0.79 -5.10 21.74
CA SER A 220 -0.63 -6.54 22.10
C SER A 220 0.74 -7.08 21.68
N GLY A 221 1.50 -6.37 20.84
CA GLY A 221 2.75 -6.85 20.27
C GLY A 221 2.49 -7.54 18.95
N LYS A 222 1.23 -7.66 18.55
CA LYS A 222 0.87 -8.23 17.22
C LYS A 222 0.99 -7.14 16.17
N VAL A 223 0.91 -7.55 14.90
CA VAL A 223 1.11 -6.67 13.72
C VAL A 223 -0.19 -6.58 12.98
N GLY A 224 -0.72 -5.36 12.89
CA GLY A 224 -1.94 -5.09 12.12
C GLY A 224 -1.56 -4.69 10.72
N CYS A 225 -2.08 -5.45 9.76
CA CYS A 225 -1.75 -5.25 8.33
C CYS A 225 -2.93 -4.69 7.56
N ILE A 226 -2.70 -3.62 6.82
CA ILE A 226 -3.64 -3.08 5.82
C ILE A 226 -3.08 -3.47 4.47
N GLY A 227 -3.87 -4.14 3.63
CA GLY A 227 -3.32 -4.59 2.36
C GLY A 227 -4.36 -4.75 1.29
N HIS A 228 -4.05 -5.56 0.30
CA HIS A 228 -4.96 -5.83 -0.82
C HIS A 228 -5.08 -7.34 -1.02
N TYR A 229 -6.27 -7.75 -1.45
CA TYR A 229 -6.58 -9.15 -1.79
C TYR A 229 -7.24 -9.09 -3.16
N SER A 230 -6.83 -10.00 -4.04
CA SER A 230 -7.10 -9.84 -5.48
C SER A 230 -7.46 -11.20 -6.09
N TYR A 231 -8.28 -11.17 -7.13
CA TYR A 231 -8.64 -12.42 -7.85
C TYR A 231 -9.31 -12.01 -9.16
N GLU A 232 -9.40 -12.95 -10.11
CA GLU A 232 -10.08 -12.72 -11.39
C GLU A 232 -11.57 -12.99 -11.24
N ASP A 233 -12.37 -12.15 -11.85
CA ASP A 233 -13.84 -12.36 -11.85
C ASP A 233 -14.37 -11.88 -13.20
N THR A 234 -15.69 -12.02 -13.39
CA THR A 234 -16.41 -11.49 -14.58
CA THR A 234 -16.45 -11.50 -14.57
C THR A 234 -17.55 -10.59 -14.05
N ASP A 235 -17.71 -9.39 -14.62
CA ASP A 235 -18.78 -8.45 -14.18
C ASP A 235 -20.12 -8.88 -14.81
N GLU A 236 -21.20 -8.15 -14.51
CA GLU A 236 -22.59 -8.38 -15.04
C GLU A 236 -22.56 -8.49 -16.57
N GLN A 237 -21.75 -7.66 -17.25
CA GLN A 237 -21.66 -7.60 -18.74
C GLN A 237 -20.67 -8.65 -19.25
N GLN A 238 -20.32 -9.64 -18.41
CA GLN A 238 -19.39 -10.76 -18.72
C GLN A 238 -18.05 -10.24 -19.25
N GLN A 239 -17.56 -9.12 -18.72
CA GLN A 239 -16.21 -8.59 -19.05
C GLN A 239 -15.25 -8.99 -17.93
N PRO A 240 -13.98 -9.25 -18.26
CA PRO A 240 -12.96 -9.64 -17.27
C PRO A 240 -12.68 -8.48 -16.29
N GLN A 241 -12.55 -8.82 -15.00
CA GLN A 241 -12.15 -7.86 -13.94
C GLN A 241 -11.04 -8.50 -13.12
N ARG A 242 -9.99 -7.72 -12.82
CA ARG A 242 -9.03 -8.09 -11.78
C ARG A 242 -9.52 -7.35 -10.55
N VAL A 243 -10.22 -8.05 -9.67
CA VAL A 243 -10.80 -7.44 -8.45
C VAL A 243 -9.66 -7.25 -7.46
N TYR A 244 -9.62 -6.06 -6.86
CA TYR A 244 -8.75 -5.72 -5.73
C TYR A 244 -9.62 -5.13 -4.65
N VAL A 245 -9.55 -5.68 -3.44
CA VAL A 245 -10.28 -5.13 -2.27
C VAL A 245 -9.27 -4.67 -1.24
N ASN A 246 -9.68 -3.68 -0.44
CA ASN A 246 -8.96 -3.34 0.79
C ASN A 246 -9.15 -4.45 1.83
N TYR A 247 -8.05 -4.94 2.39
CA TYR A 247 -8.02 -6.13 3.24
C TYR A 247 -7.27 -5.76 4.53
N SER A 248 -7.70 -6.34 5.65
CA SER A 248 -6.92 -6.28 6.90
C SER A 248 -6.81 -7.67 7.54
N PHE A 249 -5.72 -7.85 8.28
CA PHE A 249 -5.54 -9.05 9.12
C PHE A 249 -4.54 -8.68 10.21
N VAL A 250 -4.44 -9.57 11.19
CA VAL A 250 -3.49 -9.37 12.33
C VAL A 250 -2.61 -10.60 12.39
N LEU A 251 -1.30 -10.34 12.33
CA LEU A 251 -0.23 -11.36 12.47
C LEU A 251 0.30 -11.38 13.89
N ASP A 252 0.48 -12.60 14.42
CA ASP A 252 1.24 -12.84 15.68
C ASP A 252 2.64 -13.18 15.20
N PRO A 253 3.63 -12.29 15.36
CA PRO A 253 4.95 -12.51 14.74
C PRO A 253 5.75 -13.69 15.32
N GLN A 254 5.35 -14.20 16.48
CA GLN A 254 5.98 -15.39 17.12
C GLN A 254 5.34 -16.67 16.58
N SER A 255 4.02 -16.88 16.74
CA SER A 255 3.34 -18.12 16.29
C SER A 255 3.11 -18.10 14.77
N ARG A 256 3.16 -16.90 14.18
CA ARG A 256 2.81 -16.63 12.75
C ARG A 256 1.33 -16.89 12.46
N ALA A 257 0.47 -17.01 13.47
CA ALA A 257 -0.97 -17.19 13.24
C ALA A 257 -1.52 -15.90 12.62
N ILE A 258 -2.49 -16.07 11.75
CA ILE A 258 -3.24 -14.96 11.13
C ILE A 258 -4.63 -14.92 11.76
N ALA A 259 -5.08 -13.77 12.17
CA ALA A 259 -6.40 -13.61 12.84
C ALA A 259 -7.12 -12.39 12.24
N ASP A 260 -8.43 -12.44 12.36
CA ASP A 260 -9.36 -11.34 12.03
C ASP A 260 -9.14 -10.84 10.58
N ALA A 261 -8.89 -11.73 9.64
CA ALA A 261 -8.76 -11.42 8.21
C ALA A 261 -10.13 -11.00 7.64
N LYS A 262 -10.19 -9.83 7.04
CA LYS A 262 -11.50 -9.34 6.57
C LYS A 262 -11.34 -8.25 5.53
N ILE A 263 -12.37 -8.09 4.70
CA ILE A 263 -12.47 -6.95 3.76
C ILE A 263 -12.86 -5.71 4.55
N ILE A 264 -12.24 -4.58 4.26
CA ILE A 264 -12.52 -3.30 4.98
C ILE A 264 -12.92 -2.21 3.96
N GLY A 265 -12.77 -2.44 2.67
CA GLY A 265 -13.15 -1.46 1.65
C GLY A 265 -13.12 -2.05 0.27
N THR A 266 -13.93 -1.46 -0.62
CA THR A 266 -14.08 -1.87 -2.03
C THR A 266 -14.27 -0.61 -2.87
N LYS A 267 -14.14 -0.74 -4.17
CA LYS A 267 -14.30 0.41 -5.08
CA LYS A 267 -14.33 0.38 -5.12
C LYS A 267 -15.64 1.12 -4.85
N SER A 268 -16.73 0.39 -4.57
CA SER A 268 -18.07 1.01 -4.38
C SER A 268 -18.11 1.90 -3.14
N CYS A 269 -17.15 1.78 -2.21
CA CYS A 269 -17.11 2.62 -1.00
C CYS A 269 -16.64 4.04 -1.34
N TYR A 270 -15.84 4.22 -2.38
CA TYR A 270 -15.24 5.51 -2.77
C TYR A 270 -16.14 6.17 -3.81
N PRO A 271 -16.06 7.50 -3.97
CA PRO A 271 -16.86 8.16 -4.99
C PRO A 271 -16.55 7.61 -6.37
N PRO A 272 -17.52 7.67 -7.29
CA PRO A 272 -17.33 7.13 -8.63
C PRO A 272 -16.17 7.78 -9.37
N CYS A 273 -15.45 6.97 -10.13
CA CYS A 273 -14.37 7.45 -10.99
C CYS A 273 -13.99 6.37 -12.00
N GLU A 274 -13.59 6.82 -13.18
CA GLU A 274 -13.14 6.00 -14.35
CA GLU A 274 -13.20 5.91 -14.30
C GLU A 274 -11.86 5.26 -13.96
N PRO A 275 -11.77 3.93 -14.09
CA PRO A 275 -10.51 3.23 -13.87
C PRO A 275 -9.56 3.48 -15.05
N LYS A 276 -8.28 3.18 -14.83
CA LYS A 276 -7.23 3.39 -15.84
C LYS A 276 -7.50 2.52 -17.06
N VAL A 277 -7.97 1.29 -16.81
CA VAL A 277 -8.30 0.29 -17.87
C VAL A 277 -9.59 -0.40 -17.46
N PRO A 278 -10.37 -0.93 -18.43
CA PRO A 278 -11.70 -1.43 -18.10
C PRO A 278 -11.75 -2.62 -17.12
N PHE A 279 -10.67 -3.37 -16.99
CA PHE A 279 -10.61 -4.58 -16.12
C PHE A 279 -10.17 -4.20 -14.70
N LEU A 280 -10.08 -2.90 -14.38
CA LEU A 280 -9.83 -2.40 -12.99
C LEU A 280 -11.04 -1.61 -12.52
N ALA A 281 -12.26 -1.97 -12.97
CA ALA A 281 -13.50 -1.30 -12.52
C ALA A 281 -13.91 -1.68 -11.09
N ASP A 282 -13.32 -2.71 -10.50
CA ASP A 282 -13.61 -3.09 -9.09
C ASP A 282 -12.27 -3.27 -8.38
N CYS A 283 -11.38 -2.30 -8.55
CA CYS A 283 -9.98 -2.33 -8.03
C CYS A 283 -9.75 -1.14 -7.11
N VAL A 284 -9.37 -1.44 -5.87
CA VAL A 284 -8.80 -0.43 -4.94
C VAL A 284 -7.51 -1.04 -4.36
N PHE A 285 -6.45 -0.23 -4.32
CA PHE A 285 -5.11 -0.62 -3.85
C PHE A 285 -4.77 0.20 -2.60
N ALA A 286 -4.87 -0.44 -1.43
CA ALA A 286 -4.76 0.22 -0.10
C ALA A 286 -3.47 1.02 0.04
N SER A 287 -3.57 2.16 0.72
CA SER A 287 -2.41 3.05 1.06
C SER A 287 -2.10 2.90 2.56
N GLY A 288 -3.12 3.03 3.39
CA GLY A 288 -2.95 2.85 4.84
C GLY A 288 -4.07 3.56 5.61
N ILE A 289 -4.07 3.37 6.92
CA ILE A 289 -5.04 4.08 7.81
C ILE A 289 -4.35 5.15 8.63
N VAL A 290 -5.14 6.17 8.94
CA VAL A 290 -4.80 7.27 9.85
C VAL A 290 -5.88 7.35 10.90
N MET A 291 -5.51 7.32 12.18
CA MET A 291 -6.50 7.41 13.27
C MET A 291 -7.04 8.84 13.33
N ARG A 292 -8.33 8.93 13.64
CA ARG A 292 -9.10 10.18 13.69
C ARG A 292 -9.38 10.63 15.12
N SER A 293 -9.78 11.88 15.23
CA SER A 293 -10.17 12.54 16.49
C SER A 293 -11.44 11.84 17.05
N ASP A 294 -12.19 11.13 16.22
CA ASP A 294 -13.46 10.48 16.64
C ASP A 294 -13.32 8.96 16.79
N GLY A 295 -12.13 8.44 16.95
CA GLY A 295 -11.86 7.04 17.27
C GLY A 295 -12.00 6.12 16.08
N ARG A 296 -12.47 6.63 14.93
CA ARG A 296 -12.49 5.84 13.67
C ARG A 296 -11.19 6.00 12.88
N ALA A 297 -11.06 5.21 11.81
CA ALA A 297 -9.91 5.19 10.90
C ALA A 297 -10.27 5.86 9.58
N ASP A 298 -9.40 6.72 9.09
CA ASP A 298 -9.40 7.15 7.67
C ASP A 298 -8.57 6.11 6.91
N LEU A 299 -9.20 5.40 5.96
CA LEU A 299 -8.52 4.46 5.06
C LEU A 299 -8.27 5.20 3.74
N TYR A 300 -7.00 5.45 3.44
CA TYR A 300 -6.56 6.01 2.14
C TYR A 300 -6.26 4.85 1.20
N SER A 301 -6.62 4.98 -0.07
CA SER A 301 -6.49 3.92 -1.07
C SER A 301 -6.36 4.52 -2.46
N GLY A 302 -5.58 3.83 -3.28
CA GLY A 302 -5.68 3.96 -4.73
C GLY A 302 -7.04 3.47 -5.20
N VAL A 303 -7.63 4.13 -6.20
CA VAL A 303 -8.96 3.79 -6.73
C VAL A 303 -8.84 3.63 -8.26
N GLY A 304 -9.00 2.43 -8.76
CA GLY A 304 -8.97 2.15 -10.21
C GLY A 304 -7.64 2.43 -10.90
N ASP A 305 -6.53 2.48 -10.16
CA ASP A 305 -5.20 2.85 -10.70
C ASP A 305 -5.35 4.18 -11.44
N SER A 306 -6.15 5.11 -10.91
CA SER A 306 -6.31 6.46 -11.49
C SER A 306 -6.46 7.56 -10.43
N ARG A 307 -7.07 7.31 -9.29
CA ARG A 307 -7.25 8.38 -8.25
C ARG A 307 -6.81 7.86 -6.90
N GLU A 308 -6.79 8.74 -5.92
CA GLU A 308 -6.62 8.39 -4.50
C GLU A 308 -7.89 8.78 -3.74
N GLY A 309 -8.41 7.90 -2.93
CA GLY A 309 -9.60 8.18 -2.12
C GLY A 309 -9.35 8.03 -0.65
N ARG A 310 -10.36 8.42 0.13
CA ARG A 310 -10.37 8.29 1.60
C ARG A 310 -11.79 7.87 1.99
N ILE A 311 -11.87 6.81 2.78
CA ILE A 311 -13.14 6.43 3.47
C ILE A 311 -12.91 6.36 4.97
N THR A 312 -13.93 6.73 5.71
CA THR A 312 -13.92 6.57 7.18
C THR A 312 -14.58 5.26 7.53
N ILE A 313 -13.87 4.40 8.27
CA ILE A 313 -14.32 3.04 8.65
C ILE A 313 -14.09 2.84 10.15
N ASP A 314 -14.67 1.79 10.70
CA ASP A 314 -14.32 1.29 12.04
C ASP A 314 -12.83 0.94 12.07
N TYR A 315 -12.16 1.23 13.17
CA TYR A 315 -10.74 0.85 13.40
C TYR A 315 -10.70 -0.65 13.20
N PRO A 316 -9.92 -1.16 12.21
CA PRO A 316 -9.97 -2.59 11.89
C PRO A 316 -9.25 -3.55 12.84
N PHE A 317 -8.51 -3.09 13.84
CA PHE A 317 -7.74 -3.98 14.75
C PHE A 317 -8.25 -3.95 16.19
N LYS A 318 -9.52 -3.63 16.40
CA LYS A 318 -10.06 -3.38 17.77
CA LYS A 318 -10.05 -3.36 17.78
C LYS A 318 -9.68 -4.50 18.75
N VAL A 319 -9.90 -5.75 18.36
CA VAL A 319 -9.76 -6.85 19.37
C VAL A 319 -8.27 -7.09 19.67
N HIS A 320 -7.35 -6.58 18.84
CA HIS A 320 -5.90 -6.90 18.98
C HIS A 320 -5.08 -5.71 19.49
N GLY A 321 -5.74 -4.57 19.73
CA GLY A 321 -5.12 -3.40 20.39
C GLY A 321 -5.04 -2.18 19.52
N THR A 322 -4.60 -1.08 20.12
CA THR A 322 -4.44 0.24 19.48
C THR A 322 -3.05 0.28 18.87
N ILE A 323 -2.83 1.22 17.97
CA ILE A 323 -1.52 1.37 17.28
C ILE A 323 -0.49 1.95 18.24
N ILE A 324 0.70 1.38 18.24
CA ILE A 324 1.87 1.90 18.97
C ILE A 324 2.71 2.72 17.99
N GLY A 325 3.06 3.94 18.40
CA GLY A 325 3.96 4.83 17.66
C GLY A 325 3.20 5.64 16.64
N ASP A 326 3.89 6.35 15.76
CA ASP A 326 3.15 7.23 14.83
C ASP A 326 3.96 7.36 13.55
N LEU A 327 3.47 8.17 12.62
CA LEU A 327 4.16 8.44 11.35
C LEU A 327 4.40 9.95 11.29
N ASN A 328 4.81 10.49 12.44
CA ASN A 328 5.26 11.90 12.53
CA ASN A 328 5.24 11.91 12.58
C ASN A 328 6.77 11.88 12.53
N PHE A 329 7.36 12.41 11.49
CA PHE A 329 8.81 12.29 11.19
C PHE A 329 9.53 13.55 11.65
N PRO A 330 10.52 13.39 12.55
CA PRO A 330 11.32 14.51 12.99
C PRO A 330 12.33 14.95 11.92
N MET A 331 12.73 16.22 11.99
CA MET A 331 13.82 16.84 11.18
C MET A 331 15.13 16.16 11.54
N ALA A 332 16.09 16.07 10.61
CA ALA A 332 17.42 15.44 10.86
C ALA A 332 18.44 16.51 11.26
#